data_3VT7
#
_entry.id   3VT7
#
_cell.length_a   155.143
_cell.length_b   42.281
_cell.length_c   41.846
_cell.angle_alpha   90.00
_cell.angle_beta   95.53
_cell.angle_gamma   90.00
#
_symmetry.space_group_name_H-M   'C 1 2 1'
#
loop_
_entity.id
_entity.type
_entity.pdbx_description
1 polymer 'Vitamin D3 receptor'
2 polymer 'COACTIVATOR PEPTIDE DRIP'
3 non-polymer 5-{2-[1-(5-HYDROXY-1,5-DIMETHYL-HEXYL)-7A-METHYL-OCTAHYDRO-INDEN-4-YLIDENE]-ETHYLIDENE}-4-METHYLENE-CYCLOHEXANE-1,3-DIOL
4 water water
#
loop_
_entity_poly.entity_id
_entity_poly.type
_entity_poly.pdbx_seq_one_letter_code
_entity_poly.pdbx_strand_id
1 'polypeptide(L)'
;GSHMGSPNSPLKDSLRPKLSEEQQHIIAILLDAHHKTYDPTYADFRDFRPPVRMDGSTGSVTLDLSPLSMLPHLADLVSY
SIQKVIGFAKMIPGFRDLTSDDQIVLLKSSAIEVIMLRSNQSFTMDDMSRDCGSQDYKYDVTDVSKAGHTLELIEPLIKF
QVGLKKLNLHEEEHVLLMAICIVSPDRPGVQDAKLVEAIQDRLSNTLQTYIRCRHPPPGSHQLYAKMIQKLADLRSLNEE
HSKQYRSLSFQPENSMKLTPLVLEVFGNEIS
;
A
2 'polypeptide(L)' KNHPMLMNLLKDN C
#
loop_
_chem_comp.id
_chem_comp.type
_chem_comp.name
_chem_comp.formula
VDX non-polymer 5-{2-[1-(5-HYDROXY-1,5-DIMETHYL-HEXYL)-7A-METHYL-OCTAHYDRO-INDEN-4-YLIDENE]-ETHYLIDENE}-4-METHYLENE-CYCLOHEXANE-1,3-DIOL 'C27 H44 O3'
#
# COMPACT_ATOMS: atom_id res chain seq x y z
N LYS A 18 2.06 17.81 -23.48
CA LYS A 18 1.90 18.71 -22.30
C LYS A 18 2.63 18.17 -21.05
N LEU A 19 2.91 16.87 -21.08
CA LEU A 19 3.77 16.20 -20.09
C LEU A 19 5.19 16.73 -20.15
N SER A 20 5.64 17.40 -19.11
CA SER A 20 6.97 17.97 -19.14
C SER A 20 8.09 16.90 -19.04
N GLU A 21 9.32 17.32 -19.30
CA GLU A 21 10.49 16.48 -19.12
C GLU A 21 10.56 16.02 -17.66
N GLU A 22 10.20 16.89 -16.73
CA GLU A 22 10.29 16.50 -15.34
C GLU A 22 9.21 15.45 -15.00
N GLN A 23 8.02 15.61 -15.58
CA GLN A 23 6.95 14.61 -15.39
C GLN A 23 7.29 13.28 -16.00
N GLN A 24 7.90 13.26 -17.21
CA GLN A 24 8.32 12.00 -17.79
C GLN A 24 9.37 11.35 -16.89
N HIS A 25 10.25 12.16 -16.35
CA HIS A 25 11.29 11.65 -15.45
C HIS A 25 10.62 11.01 -14.21
N ILE A 26 9.64 11.71 -13.63
CA ILE A 26 8.96 11.21 -12.40
C ILE A 26 8.31 9.86 -12.67
N ILE A 27 7.64 9.77 -13.81
CA ILE A 27 7.06 8.49 -14.19
C ILE A 27 8.05 7.38 -14.42
N ALA A 28 9.17 7.66 -15.08
CA ALA A 28 10.16 6.63 -15.29
C ALA A 28 10.75 6.16 -13.93
N ILE A 29 10.95 7.08 -13.00
CA ILE A 29 11.54 6.74 -11.70
C ILE A 29 10.50 5.83 -10.96
N LEU A 30 9.23 6.16 -11.04
CA LEU A 30 8.25 5.36 -10.26
C LEU A 30 8.00 3.98 -10.87
N LEU A 31 8.01 3.86 -12.20
CA LEU A 31 7.89 2.55 -12.84
C LEU A 31 9.04 1.63 -12.40
N ASP A 32 10.28 2.14 -12.49
CA ASP A 32 11.44 1.37 -12.15
C ASP A 32 11.39 1.01 -10.65
N ALA A 33 10.99 1.96 -9.84
CA ALA A 33 10.93 1.73 -8.39
C ALA A 33 9.97 0.58 -8.11
N HIS A 34 8.84 0.62 -8.80
CA HIS A 34 7.87 -0.46 -8.65
C HIS A 34 8.44 -1.80 -9.15
N HIS A 35 9.00 -1.81 -10.35
CA HIS A 35 9.59 -3.04 -10.86
C HIS A 35 10.65 -3.58 -9.89
N LYS A 36 11.34 -2.69 -9.17
CA LYS A 36 12.46 -3.17 -8.33
C LYS A 36 11.92 -3.72 -6.99
N THR A 37 10.65 -3.44 -6.70
CA THR A 37 10.10 -3.84 -5.41
C THR A 37 8.87 -4.74 -5.53
N TYR A 38 8.42 -5.08 -6.75
CA TYR A 38 7.28 -5.99 -6.89
C TYR A 38 7.65 -7.11 -7.85
N ASP A 39 7.92 -8.29 -7.31
CA ASP A 39 8.30 -9.49 -8.09
C ASP A 39 7.04 -10.32 -8.38
N PRO A 40 6.51 -10.21 -9.60
CA PRO A 40 5.30 -10.97 -9.89
C PRO A 40 5.49 -12.48 -9.97
N THR A 41 6.72 -12.96 -9.89
CA THR A 41 6.94 -14.40 -9.81
C THR A 41 6.84 -14.97 -8.41
N TYR A 42 6.82 -14.11 -7.39
CA TYR A 42 6.70 -14.59 -6.02
C TYR A 42 7.85 -15.52 -5.63
N ALA A 43 9.04 -15.27 -6.15
CA ALA A 43 10.13 -16.19 -5.88
C ALA A 43 10.42 -16.23 -4.38
N ASP A 44 10.05 -15.17 -3.66
CA ASP A 44 10.38 -15.08 -2.23
C ASP A 44 9.36 -15.76 -1.33
N PHE A 45 8.19 -16.09 -1.87
CA PHE A 45 7.11 -16.59 -1.02
C PHE A 45 7.40 -17.93 -0.41
N ARG A 46 8.29 -18.68 -1.03
CA ARG A 46 8.71 -19.94 -0.46
C ARG A 46 9.37 -19.78 0.91
N ASP A 47 9.87 -18.59 1.21
CA ASP A 47 10.53 -18.37 2.48
C ASP A 47 9.63 -17.93 3.59
N PHE A 48 8.35 -17.73 3.27
CA PHE A 48 7.36 -17.42 4.32
C PHE A 48 6.99 -18.70 5.08
N ARG A 49 6.54 -18.56 6.32
CA ARG A 49 5.76 -19.68 6.91
C ARG A 49 4.67 -20.13 5.93
N PRO A 50 4.51 -21.44 5.76
CA PRO A 50 3.51 -21.88 4.79
C PRO A 50 2.06 -21.66 5.10
N PRO A 51 1.27 -21.51 4.04
CA PRO A 51 -0.17 -21.31 4.18
C PRO A 51 -0.63 -22.65 4.80
N VAL A 52 -1.59 -22.59 5.72
CA VAL A 52 -2.25 -23.80 6.16
C VAL A 52 -3.73 -23.65 5.92
N ARG A 53 -4.29 -24.64 5.22
CA ARG A 53 -5.69 -24.60 4.83
C ARG A 53 -6.32 -25.96 5.13
N MET A 54 -7.63 -25.95 5.34
CA MET A 54 -8.31 -27.19 5.67
C MET A 54 -9.71 -27.18 5.09
N SER A 66 -11.30 -20.83 16.88
CA SER A 66 -10.36 -19.75 16.43
C SER A 66 -9.03 -20.32 15.94
N PRO A 67 -9.05 -21.01 14.77
CA PRO A 67 -7.83 -21.61 14.20
C PRO A 67 -6.72 -20.60 13.85
N LEU A 68 -7.07 -19.55 13.10
CA LEU A 68 -6.09 -18.61 12.54
C LEU A 68 -4.95 -19.29 11.81
N SER A 69 -5.27 -20.33 11.06
CA SER A 69 -4.23 -21.15 10.48
C SER A 69 -3.47 -20.40 9.38
N MET A 70 -4.06 -19.33 8.85
CA MET A 70 -3.38 -18.59 7.79
C MET A 70 -2.62 -17.35 8.34
N LEU A 71 -2.71 -17.09 9.65
CA LEU A 71 -2.08 -15.90 10.18
C LEU A 71 -0.56 -15.92 9.99
N PRO A 72 0.13 -17.05 10.26
CA PRO A 72 1.60 -16.99 10.05
C PRO A 72 1.98 -16.66 8.62
N HIS A 73 1.34 -17.32 7.66
CA HIS A 73 1.70 -17.06 6.28
C HIS A 73 1.38 -15.61 5.87
N LEU A 74 0.14 -15.17 6.15
CA LEU A 74 -0.22 -13.83 5.74
C LEU A 74 0.52 -12.77 6.55
N ALA A 75 0.85 -13.04 7.82
CA ALA A 75 1.69 -12.06 8.53
C ALA A 75 3.03 -11.92 7.83
N ASP A 76 3.60 -13.04 7.36
CA ASP A 76 4.95 -12.96 6.73
C ASP A 76 4.82 -12.29 5.37
N LEU A 77 3.74 -12.58 4.61
CA LEU A 77 3.52 -11.89 3.35
C LEU A 77 3.38 -10.38 3.57
N VAL A 78 2.59 -10.00 4.56
CA VAL A 78 2.43 -8.58 4.83
C VAL A 78 3.75 -7.93 5.29
N SER A 79 4.49 -8.63 6.16
CA SER A 79 5.77 -8.09 6.65
C SER A 79 6.74 -7.86 5.49
N TYR A 80 6.80 -8.85 4.60
CA TYR A 80 7.61 -8.76 3.37
C TYR A 80 7.18 -7.56 2.56
N SER A 81 5.88 -7.35 2.46
CA SER A 81 5.38 -6.35 1.57
C SER A 81 5.63 -4.96 2.18
N ILE A 82 5.59 -4.87 3.52
CA ILE A 82 5.88 -3.58 4.13
C ILE A 82 7.34 -3.22 3.72
N GLN A 83 8.26 -4.18 3.81
CA GLN A 83 9.63 -3.92 3.39
C GLN A 83 9.65 -3.42 1.94
N LYS A 84 8.89 -4.05 1.05
CA LYS A 84 8.88 -3.57 -0.32
C LYS A 84 8.29 -2.18 -0.50
N VAL A 85 7.20 -1.86 0.23
CA VAL A 85 6.54 -0.56 0.14
C VAL A 85 7.54 0.51 0.59
N ILE A 86 8.31 0.20 1.64
CA ILE A 86 9.35 1.14 2.09
C ILE A 86 10.42 1.37 1.02
N GLY A 87 10.84 0.31 0.33
CA GLY A 87 11.81 0.46 -0.73
C GLY A 87 11.24 1.33 -1.83
N PHE A 88 9.95 1.14 -2.14
CA PHE A 88 9.33 1.97 -3.18
C PHE A 88 9.27 3.40 -2.75
N ALA A 89 8.83 3.64 -1.52
CA ALA A 89 8.67 5.00 -1.03
C ALA A 89 9.97 5.80 -1.09
N LYS A 90 11.07 5.15 -0.73
CA LYS A 90 12.38 5.82 -0.70
C LYS A 90 12.75 6.36 -2.07
N MET A 91 12.18 5.78 -3.12
CA MET A 91 12.47 6.23 -4.47
C MET A 91 11.51 7.28 -5.06
N ILE A 92 10.48 7.67 -4.30
CA ILE A 92 9.51 8.65 -4.78
C ILE A 92 10.23 9.99 -4.85
N PRO A 93 10.21 10.67 -6.01
CA PRO A 93 10.92 11.96 -6.05
C PRO A 93 10.40 12.90 -4.97
N GLY A 94 11.34 13.42 -4.18
CA GLY A 94 10.98 14.36 -3.13
C GLY A 94 10.88 13.70 -1.78
N PHE A 95 10.63 12.39 -1.75
CA PHE A 95 10.38 11.76 -0.48
C PHE A 95 11.64 11.88 0.40
N ARG A 96 12.82 11.79 -0.22
CA ARG A 96 14.13 11.91 0.47
C ARG A 96 14.31 13.29 1.18
N ASP A 97 13.58 14.30 0.75
CA ASP A 97 13.73 15.65 1.31
C ASP A 97 12.93 15.84 2.61
N LEU A 98 12.06 14.87 2.95
CA LEU A 98 11.37 14.90 4.23
C LEU A 98 12.28 14.41 5.37
N THR A 99 11.95 14.80 6.59
CA THR A 99 12.75 14.38 7.72
C THR A 99 12.44 12.91 7.98
N SER A 100 13.37 12.21 8.62
CA SER A 100 13.15 10.81 8.93
C SER A 100 11.84 10.65 9.72
N ASP A 101 11.54 11.54 10.66
CA ASP A 101 10.27 11.50 11.40
C ASP A 101 9.01 11.51 10.48
N ASP A 102 9.00 12.41 9.51
CA ASP A 102 7.81 12.53 8.68
C ASP A 102 7.75 11.30 7.75
N GLN A 103 8.90 10.82 7.33
CA GLN A 103 8.93 9.60 6.51
C GLN A 103 8.30 8.45 7.28
N ILE A 104 8.70 8.29 8.55
CA ILE A 104 8.03 7.33 9.43
C ILE A 104 6.51 7.40 9.57
N VAL A 105 5.98 8.60 9.85
CA VAL A 105 4.58 8.82 10.01
C VAL A 105 3.86 8.48 8.70
N LEU A 106 4.46 8.86 7.57
CA LEU A 106 3.78 8.65 6.28
C LEU A 106 3.75 7.12 6.01
N LEU A 107 4.85 6.43 6.29
CA LEU A 107 4.86 4.96 6.04
C LEU A 107 3.98 4.18 6.96
N LYS A 108 4.00 4.52 8.23
CA LYS A 108 3.14 3.77 9.14
C LYS A 108 1.66 3.93 8.77
N SER A 109 1.26 5.14 8.32
CA SER A 109 -0.14 5.35 8.12
C SER A 109 -0.57 4.84 6.73
N SER A 110 0.37 4.71 5.80
CA SER A 110 0.00 4.28 4.44
C SER A 110 0.28 2.82 4.13
N ALA A 111 1.06 2.14 4.96
CA ALA A 111 1.59 0.83 4.56
C ALA A 111 0.40 -0.08 4.20
N ILE A 112 -0.58 -0.19 5.08
CA ILE A 112 -1.67 -1.14 4.75
C ILE A 112 -2.42 -0.72 3.44
N GLU A 113 -2.55 0.58 3.18
CA GLU A 113 -3.28 1.05 2.00
C GLU A 113 -2.45 0.76 0.75
N VAL A 114 -1.13 0.93 0.82
CA VAL A 114 -0.32 0.63 -0.39
C VAL A 114 -0.25 -0.88 -0.61
N ILE A 115 -0.30 -1.67 0.46
CA ILE A 115 -0.37 -3.15 0.29
C ILE A 115 -1.69 -3.49 -0.42
N MET A 116 -2.78 -2.87 -0.01
CA MET A 116 -4.05 -3.10 -0.67
C MET A 116 -4.00 -2.67 -2.10
N LEU A 117 -3.51 -1.47 -2.38
CA LEU A 117 -3.33 -1.06 -3.80
C LEU A 117 -2.44 -2.00 -4.59
N ARG A 118 -1.26 -2.34 -4.07
CA ARG A 118 -0.31 -3.08 -4.89
C ARG A 118 -0.84 -4.48 -5.13
N SER A 119 -1.67 -4.95 -4.18
CA SER A 119 -2.24 -6.31 -4.36
C SER A 119 -3.26 -6.37 -5.52
N ASN A 120 -3.67 -5.22 -6.04
CA ASN A 120 -4.64 -5.25 -7.12
C ASN A 120 -3.99 -5.94 -8.33
N GLN A 121 -2.65 -5.94 -8.39
CA GLN A 121 -1.96 -6.55 -9.52
C GLN A 121 -2.07 -8.08 -9.51
N SER A 122 -2.27 -8.68 -8.35
CA SER A 122 -2.50 -10.11 -8.29
C SER A 122 -3.98 -10.50 -8.19
N PHE A 123 -4.82 -9.52 -7.97
CA PHE A 123 -6.24 -9.76 -7.84
C PHE A 123 -6.85 -10.20 -9.16
N THR A 124 -7.70 -11.20 -9.13
CA THR A 124 -8.36 -11.54 -10.38
C THR A 124 -9.87 -11.71 -10.23
N MET A 125 -10.56 -11.21 -11.25
CA MET A 125 -12.00 -11.39 -11.40
C MET A 125 -12.26 -12.66 -12.23
N ASP A 136 -0.79 -22.27 -4.19
CA ASP A 136 -0.74 -22.06 -2.70
C ASP A 136 -0.95 -20.57 -2.39
N TYR A 137 -0.43 -19.74 -3.28
CA TYR A 137 -0.34 -18.30 -3.06
C TYR A 137 -1.37 -17.54 -3.85
N LYS A 138 -2.55 -18.12 -4.01
CA LYS A 138 -3.70 -17.35 -4.40
C LYS A 138 -4.51 -17.34 -3.12
N TYR A 139 -5.09 -16.21 -2.74
CA TYR A 139 -5.78 -16.11 -1.45
C TYR A 139 -7.23 -15.77 -1.65
N ASP A 140 -8.10 -16.51 -0.99
CA ASP A 140 -9.53 -16.28 -1.12
C ASP A 140 -10.09 -15.74 0.18
N VAL A 141 -11.41 -15.53 0.20
CA VAL A 141 -12.04 -14.99 1.39
C VAL A 141 -11.81 -15.84 2.63
N THR A 142 -11.81 -17.16 2.50
CA THR A 142 -11.66 -18.03 3.68
C THR A 142 -10.28 -17.87 4.26
N ASP A 143 -9.31 -17.73 3.36
CA ASP A 143 -7.92 -17.55 3.82
C ASP A 143 -7.78 -16.31 4.69
N VAL A 144 -8.40 -15.21 4.27
CA VAL A 144 -8.27 -13.97 5.03
C VAL A 144 -9.02 -14.13 6.33
N SER A 145 -10.17 -14.82 6.29
CA SER A 145 -10.88 -15.17 7.52
C SER A 145 -10.01 -15.95 8.48
N LYS A 146 -9.17 -16.80 7.91
CA LYS A 146 -8.33 -17.63 8.73
C LYS A 146 -7.07 -16.87 9.22
N ALA A 147 -7.00 -15.57 8.93
CA ALA A 147 -5.95 -14.77 9.54
C ALA A 147 -6.53 -13.86 10.60
N GLY A 148 -7.81 -14.05 10.92
CA GLY A 148 -8.38 -13.28 12.02
C GLY A 148 -9.21 -12.05 11.62
N HIS A 149 -9.61 -11.99 10.35
CA HIS A 149 -10.41 -10.88 9.85
C HIS A 149 -11.81 -11.33 9.47
N THR A 150 -12.71 -10.35 9.41
CA THR A 150 -14.13 -10.62 9.12
C THR A 150 -14.60 -9.93 7.85
N LEU A 151 -15.82 -10.26 7.45
CA LEU A 151 -16.41 -9.72 6.24
C LEU A 151 -16.57 -8.22 6.33
N GLU A 152 -16.59 -7.67 7.54
CA GLU A 152 -16.73 -6.23 7.75
C GLU A 152 -15.52 -5.55 7.01
N LEU A 153 -14.40 -6.27 6.97
CA LEU A 153 -13.23 -5.78 6.22
C LEU A 153 -13.21 -6.39 4.83
N ILE A 154 -13.39 -7.71 4.76
CA ILE A 154 -13.18 -8.42 3.52
C ILE A 154 -14.16 -8.05 2.40
N GLU A 155 -15.45 -7.83 2.70
CA GLU A 155 -16.39 -7.43 1.65
C GLU A 155 -16.01 -6.06 1.04
N PRO A 156 -15.78 -5.07 1.88
CA PRO A 156 -15.40 -3.80 1.23
C PRO A 156 -14.05 -3.91 0.50
N LEU A 157 -13.17 -4.77 0.98
CA LEU A 157 -11.86 -4.92 0.35
C LEU A 157 -12.03 -5.53 -1.04
N ILE A 158 -12.87 -6.56 -1.16
CA ILE A 158 -13.11 -7.14 -2.49
C ILE A 158 -13.81 -6.17 -3.43
N LYS A 159 -14.76 -5.40 -2.90
CA LYS A 159 -15.45 -4.39 -3.67
C LYS A 159 -14.46 -3.30 -4.18
N PHE A 160 -13.53 -2.92 -3.31
CA PHE A 160 -12.48 -1.96 -3.71
C PHE A 160 -11.63 -2.58 -4.86
N GLN A 161 -11.28 -3.86 -4.75
CA GLN A 161 -10.36 -4.47 -5.73
C GLN A 161 -11.07 -4.59 -7.09
N VAL A 162 -12.34 -4.97 -7.04
CA VAL A 162 -13.14 -4.95 -8.28
C VAL A 162 -13.25 -3.58 -8.92
N GLY A 163 -13.50 -2.55 -8.12
CA GLY A 163 -13.69 -1.24 -8.69
C GLY A 163 -12.38 -0.69 -9.19
N LEU A 164 -11.28 -1.08 -8.56
CA LEU A 164 -9.99 -0.57 -9.00
C LEU A 164 -9.67 -1.31 -10.30
N LYS A 165 -9.92 -2.60 -10.34
CA LYS A 165 -9.60 -3.37 -11.52
C LYS A 165 -10.36 -2.80 -12.72
N LYS A 166 -11.60 -2.34 -12.49
CA LYS A 166 -12.42 -1.84 -13.58
C LYS A 166 -11.91 -0.57 -14.16
N LEU A 167 -11.09 0.19 -13.40
CA LEU A 167 -10.50 1.38 -13.94
C LEU A 167 -9.45 1.05 -15.03
N ASN A 168 -9.00 -0.21 -15.07
CA ASN A 168 -7.98 -0.70 -16.01
C ASN A 168 -6.83 0.31 -16.13
N LEU A 169 -6.21 0.64 -14.99
CA LEU A 169 -5.21 1.71 -15.00
C LEU A 169 -4.00 1.30 -15.80
N HIS A 170 -3.38 2.26 -16.49
CA HIS A 170 -2.04 2.07 -17.02
C HIS A 170 -1.07 1.82 -15.86
N GLU A 171 0.03 1.09 -16.09
CA GLU A 171 0.96 0.91 -14.96
C GLU A 171 1.46 2.26 -14.48
N GLU A 172 1.60 3.25 -15.37
CA GLU A 172 2.03 4.61 -14.96
C GLU A 172 1.09 5.21 -13.91
N GLU A 173 -0.22 5.00 -14.15
CA GLU A 173 -1.22 5.52 -13.23
C GLU A 173 -1.20 4.78 -11.88
N HIS A 174 -1.04 3.47 -11.95
CA HIS A 174 -1.00 2.64 -10.75
C HIS A 174 0.18 3.10 -9.85
N VAL A 175 1.34 3.33 -10.46
CA VAL A 175 2.49 3.63 -9.61
C VAL A 175 2.39 5.08 -9.07
N LEU A 176 1.83 5.98 -9.88
CA LEU A 176 1.58 7.34 -9.39
C LEU A 176 0.58 7.33 -8.20
N LEU A 177 -0.44 6.48 -8.30
CA LEU A 177 -1.44 6.44 -7.24
C LEU A 177 -0.82 5.92 -5.95
N MET A 178 0.04 4.89 -6.03
CA MET A 178 0.69 4.40 -4.81
C MET A 178 1.55 5.53 -4.22
N ALA A 179 2.27 6.23 -5.08
CA ALA A 179 3.14 7.31 -4.59
C ALA A 179 2.34 8.44 -3.95
N ILE A 180 1.23 8.82 -4.58
CA ILE A 180 0.35 9.84 -4.03
C ILE A 180 -0.21 9.39 -2.69
N CYS A 181 -0.57 8.11 -2.62
CA CYS A 181 -1.08 7.59 -1.33
C CYS A 181 -0.06 7.73 -0.19
N ILE A 182 1.19 7.43 -0.48
CA ILE A 182 2.23 7.49 0.56
C ILE A 182 2.45 8.97 1.00
N VAL A 183 2.52 9.89 0.05
CA VAL A 183 2.89 11.27 0.42
C VAL A 183 1.63 12.09 0.59
N SER A 184 0.89 11.79 1.65
CA SER A 184 -0.41 12.41 1.92
C SER A 184 -0.16 13.36 3.10
N PRO A 185 -0.41 14.66 2.90
CA PRO A 185 -0.21 15.68 3.94
C PRO A 185 -1.14 15.66 5.14
N ASP A 186 -2.21 14.91 5.06
CA ASP A 186 -3.17 14.94 6.13
C ASP A 186 -3.04 13.77 7.08
N ARG A 187 -1.97 13.02 6.96
CA ARG A 187 -1.78 11.90 7.89
C ARG A 187 -1.56 12.47 9.29
N PRO A 188 -2.17 11.88 10.30
CA PRO A 188 -1.98 12.39 11.67
C PRO A 188 -0.50 12.30 12.07
N GLY A 189 0.04 13.38 12.64
CA GLY A 189 1.42 13.35 13.12
C GLY A 189 2.43 13.90 12.15
N VAL A 190 1.96 14.27 10.96
CA VAL A 190 2.85 14.94 10.02
C VAL A 190 3.27 16.29 10.60
N GLN A 191 4.54 16.61 10.53
CA GLN A 191 4.95 17.92 11.03
C GLN A 191 4.95 18.90 9.90
N ASP A 192 5.77 18.64 8.90
CA ASP A 192 5.91 19.58 7.80
C ASP A 192 4.94 19.28 6.68
N ALA A 193 3.66 19.54 6.96
CA ALA A 193 2.62 19.18 6.01
C ALA A 193 2.77 19.97 4.71
N LYS A 194 3.22 21.22 4.80
CA LYS A 194 3.35 22.02 3.60
C LYS A 194 4.25 21.35 2.62
N LEU A 195 5.34 20.78 3.14
CA LEU A 195 6.33 20.17 2.28
C LEU A 195 5.76 18.86 1.68
N VAL A 196 5.11 18.08 2.54
CA VAL A 196 4.48 16.82 2.04
C VAL A 196 3.49 17.19 0.92
N GLU A 197 2.65 18.20 1.16
CA GLU A 197 1.66 18.66 0.18
C GLU A 197 2.33 19.06 -1.12
N ALA A 198 3.43 19.79 -1.01
CA ALA A 198 4.17 20.24 -2.17
C ALA A 198 4.72 19.04 -2.94
N ILE A 199 5.21 18.04 -2.21
CA ILE A 199 5.71 16.85 -2.89
C ILE A 199 4.52 16.11 -3.56
N GLN A 200 3.43 16.01 -2.86
CA GLN A 200 2.30 15.29 -3.44
C GLN A 200 1.73 16.05 -4.62
N ASP A 201 1.68 17.37 -4.53
CA ASP A 201 1.11 18.11 -5.69
C ASP A 201 1.88 17.84 -6.97
N ARG A 202 3.17 17.64 -6.84
CA ARG A 202 4.00 17.42 -8.01
C ARG A 202 3.60 16.11 -8.63
N LEU A 203 3.30 15.12 -7.79
CA LEU A 203 2.88 13.84 -8.30
C LEU A 203 1.45 13.89 -8.82
N SER A 204 0.56 14.58 -8.13
CA SER A 204 -0.87 14.69 -8.57
C SER A 204 -0.94 15.39 -9.95
N ASN A 205 -0.14 16.43 -10.09
CA ASN A 205 -0.11 17.19 -11.34
C ASN A 205 0.42 16.29 -12.46
N THR A 206 1.42 15.48 -12.14
CA THR A 206 1.94 14.52 -13.13
C THR A 206 0.87 13.53 -13.55
N LEU A 207 0.12 13.06 -12.58
CA LEU A 207 -0.91 12.06 -12.89
C LEU A 207 -2.00 12.71 -13.79
N GLN A 208 -2.43 13.90 -13.41
CA GLN A 208 -3.51 14.58 -14.13
C GLN A 208 -3.08 14.84 -15.56
N THR A 209 -1.83 15.24 -15.75
CA THR A 209 -1.31 15.54 -17.09
C THR A 209 -1.14 14.26 -17.88
N TYR A 210 -0.66 13.20 -17.22
CA TYR A 210 -0.55 11.94 -17.88
C TYR A 210 -1.92 11.46 -18.40
N ILE A 211 -2.93 11.57 -17.55
CA ILE A 211 -4.26 11.12 -17.98
C ILE A 211 -4.68 11.90 -19.25
N ARG A 212 -4.62 13.22 -19.19
CA ARG A 212 -5.01 14.08 -20.34
C ARG A 212 -4.24 13.73 -21.63
N CYS A 213 -2.97 13.39 -21.50
CA CYS A 213 -2.06 13.27 -22.64
C CYS A 213 -1.94 11.86 -23.13
N ARG A 214 -2.15 10.88 -22.25
CA ARG A 214 -1.78 9.55 -22.67
C ARG A 214 -2.85 8.55 -22.49
N HIS A 215 -3.99 8.93 -21.86
CA HIS A 215 -5.03 7.96 -21.57
C HIS A 215 -6.21 8.37 -22.45
N PRO A 216 -6.53 7.55 -23.44
CA PRO A 216 -7.63 7.96 -24.32
C PRO A 216 -9.03 7.83 -23.77
N PRO A 217 -9.94 8.72 -24.18
CA PRO A 217 -11.33 8.60 -23.73
C PRO A 217 -11.79 7.37 -24.53
N PRO A 218 -12.84 6.66 -24.09
CA PRO A 218 -13.65 6.91 -22.89
C PRO A 218 -12.98 6.53 -21.60
N GLY A 219 -11.90 5.74 -21.66
CA GLY A 219 -11.27 5.20 -20.44
C GLY A 219 -10.89 6.26 -19.42
N SER A 220 -10.59 7.45 -19.92
CA SER A 220 -10.08 8.55 -19.14
C SER A 220 -11.12 9.40 -18.45
N HIS A 221 -12.40 9.10 -18.73
CA HIS A 221 -13.49 9.97 -18.30
C HIS A 221 -13.54 9.95 -16.77
N GLN A 222 -13.41 11.13 -16.15
CA GLN A 222 -13.40 11.29 -14.69
C GLN A 222 -12.36 10.41 -14.03
N LEU A 223 -11.30 10.08 -14.74
CA LEU A 223 -10.46 9.01 -14.19
C LEU A 223 -9.70 9.52 -12.95
N TYR A 224 -9.19 10.75 -13.00
CA TYR A 224 -8.50 11.27 -11.80
C TYR A 224 -9.41 11.28 -10.56
N ALA A 225 -10.66 11.67 -10.76
CA ALA A 225 -11.53 11.83 -9.57
C ALA A 225 -11.81 10.44 -9.08
N LYS A 226 -11.91 9.49 -10.02
CA LYS A 226 -12.20 8.14 -9.62
C LYS A 226 -10.98 7.57 -8.85
N MET A 227 -9.77 7.97 -9.24
CA MET A 227 -8.59 7.44 -8.55
C MET A 227 -8.55 8.06 -7.14
N ILE A 228 -8.92 9.34 -7.04
CA ILE A 228 -8.91 9.95 -5.71
C ILE A 228 -9.97 9.32 -4.84
N GLN A 229 -11.10 8.92 -5.42
CA GLN A 229 -12.13 8.24 -4.65
C GLN A 229 -11.60 6.93 -4.12
N LYS A 230 -10.72 6.27 -4.87
CA LYS A 230 -10.13 5.03 -4.35
C LYS A 230 -9.24 5.33 -3.14
N LEU A 231 -8.55 6.47 -3.17
CA LEU A 231 -7.73 6.86 -1.98
C LEU A 231 -8.67 7.09 -0.80
N ALA A 232 -9.85 7.65 -1.07
CA ALA A 232 -10.82 7.80 0.05
C ALA A 232 -11.28 6.42 0.54
N ASP A 233 -11.58 5.52 -0.39
CA ASP A 233 -12.02 4.18 -0.01
C ASP A 233 -10.94 3.52 0.89
N LEU A 234 -9.67 3.76 0.53
CA LEU A 234 -8.56 3.17 1.30
C LEU A 234 -8.52 3.69 2.75
N ARG A 235 -8.95 4.92 2.97
CA ARG A 235 -8.94 5.42 4.37
C ARG A 235 -9.91 4.63 5.22
N SER A 236 -11.08 4.33 4.67
CA SER A 236 -12.07 3.56 5.38
C SER A 236 -11.60 2.11 5.62
N LEU A 237 -10.96 1.52 4.61
CA LEU A 237 -10.37 0.18 4.76
C LEU A 237 -9.23 0.19 5.81
N ASN A 238 -8.44 1.24 5.80
CA ASN A 238 -7.32 1.36 6.76
C ASN A 238 -7.93 1.34 8.17
N GLU A 239 -8.95 2.15 8.35
CA GLU A 239 -9.58 2.24 9.67
C GLU A 239 -10.16 0.91 10.17
N GLU A 240 -10.82 0.16 9.28
CA GLU A 240 -11.45 -1.08 9.66
C GLU A 240 -10.34 -2.14 9.84
N HIS A 241 -9.32 -2.13 8.97
CA HIS A 241 -8.22 -3.04 9.27
C HIS A 241 -7.58 -2.75 10.64
N SER A 242 -7.36 -1.48 10.96
CA SER A 242 -6.74 -1.12 12.24
C SER A 242 -7.58 -1.69 13.39
N LYS A 243 -8.89 -1.58 13.26
CA LYS A 243 -9.77 -2.01 14.34
C LYS A 243 -9.70 -3.52 14.50
N GLN A 244 -9.69 -4.26 13.39
CA GLN A 244 -9.61 -5.69 13.51
C GLN A 244 -8.19 -6.14 13.93
N TYR A 245 -7.16 -5.43 13.49
CA TYR A 245 -5.81 -5.75 13.88
C TYR A 245 -5.64 -5.57 15.39
N ARG A 246 -6.18 -4.50 15.93
CA ARG A 246 -6.02 -4.28 17.37
C ARG A 246 -6.71 -5.39 18.13
N SER A 247 -7.87 -5.80 17.64
CA SER A 247 -8.58 -6.92 18.26
C SER A 247 -7.82 -8.27 18.19
N LEU A 248 -7.28 -8.61 17.02
CA LEU A 248 -6.62 -9.91 16.92
C LEU A 248 -5.27 -9.86 17.65
N SER A 249 -4.57 -8.73 17.61
CA SER A 249 -3.24 -8.69 18.22
C SER A 249 -3.30 -8.45 19.76
N PHE A 250 -4.50 -8.21 20.27
CA PHE A 250 -4.67 -7.97 21.71
C PHE A 250 -4.43 -9.27 22.46
N GLN A 251 -4.72 -10.38 21.80
CA GLN A 251 -4.45 -11.70 22.34
C GLN A 251 -2.95 -12.00 22.12
N PRO A 252 -2.21 -12.17 23.20
CA PRO A 252 -0.77 -12.44 23.08
C PRO A 252 -0.46 -13.67 22.25
N GLU A 253 -1.33 -14.68 22.26
CA GLU A 253 -1.07 -15.85 21.43
C GLU A 253 -1.11 -15.56 19.94
N ASN A 254 -1.91 -14.55 19.53
CA ASN A 254 -1.95 -14.18 18.12
C ASN A 254 -0.83 -13.23 17.85
N SER A 255 -0.57 -12.32 18.78
CA SER A 255 0.51 -11.35 18.62
C SER A 255 1.82 -12.10 18.41
N MET A 256 1.95 -13.26 19.07
CA MET A 256 3.15 -14.10 18.96
C MET A 256 3.36 -14.57 17.52
N LYS A 257 2.31 -14.58 16.72
CA LYS A 257 2.37 -15.19 15.40
C LYS A 257 2.74 -14.16 14.35
N LEU A 258 2.79 -12.89 14.75
CA LEU A 258 3.13 -11.81 13.84
C LEU A 258 4.63 -11.70 13.70
N THR A 259 5.11 -10.67 13.00
CA THR A 259 6.53 -10.50 12.88
C THR A 259 6.92 -9.22 13.61
N PRO A 260 8.22 -9.08 13.91
CA PRO A 260 8.61 -7.84 14.61
C PRO A 260 8.29 -6.57 13.84
N LEU A 261 8.49 -6.63 12.51
CA LEU A 261 8.16 -5.43 11.73
C LEU A 261 6.71 -5.08 11.69
N VAL A 262 5.83 -6.09 11.60
CA VAL A 262 4.40 -5.84 11.58
C VAL A 262 4.01 -5.23 12.94
N LEU A 263 4.60 -5.74 14.02
CA LEU A 263 4.20 -5.20 15.35
C LEU A 263 4.62 -3.75 15.46
N GLU A 264 5.76 -3.43 14.90
CA GLU A 264 6.27 -2.06 14.98
C GLU A 264 5.46 -1.13 14.08
N VAL A 265 5.17 -1.58 12.86
CA VAL A 265 4.46 -0.68 11.95
C VAL A 265 2.96 -0.57 12.25
N PHE A 266 2.30 -1.69 12.52
CA PHE A 266 0.84 -1.67 12.69
C PHE A 266 0.48 -1.47 14.13
N GLY A 267 1.44 -1.71 15.00
CA GLY A 267 1.23 -1.39 16.40
C GLY A 267 1.36 -2.62 17.26
N ASN A 268 1.65 -2.35 18.54
CA ASN A 268 1.92 -3.38 19.53
C ASN A 268 1.40 -2.81 20.87
N LYS B 1 6.31 5.63 20.96
CA LYS B 1 7.17 4.42 20.73
C LYS B 1 8.30 4.79 19.78
N ASN B 2 9.30 3.93 19.70
CA ASN B 2 10.35 4.11 18.71
C ASN B 2 10.08 3.14 17.58
N HIS B 3 10.69 3.40 16.42
CA HIS B 3 10.51 2.55 15.24
C HIS B 3 11.87 2.26 14.68
N PRO B 4 12.69 1.57 15.47
CA PRO B 4 14.04 1.25 15.03
C PRO B 4 14.10 0.45 13.73
N MET B 5 13.14 -0.46 13.52
CA MET B 5 13.25 -1.26 12.27
C MET B 5 12.88 -0.41 11.03
N LEU B 6 11.80 0.35 11.15
CA LEU B 6 11.36 1.21 10.07
C LEU B 6 12.45 2.26 9.83
N MET B 7 13.05 2.77 10.90
CA MET B 7 14.09 3.80 10.76
C MET B 7 15.28 3.24 10.03
N ASN B 8 15.64 2.01 10.34
CA ASN B 8 16.78 1.41 9.68
C ASN B 8 16.47 1.15 8.19
N LEU B 9 15.23 0.76 7.85
CA LEU B 9 14.93 0.44 6.43
C LEU B 9 14.85 1.71 5.57
N LEU B 10 14.60 2.84 6.24
CA LEU B 10 14.43 4.11 5.54
C LEU B 10 15.79 4.73 5.35
N LYS B 11 16.75 4.06 5.97
CA LYS B 11 18.19 4.18 5.82
C LYS B 11 18.49 5.19 6.88
O2 VDX C . 0.00 -8.80 -4.77
O3 VDX C . -3.89 -8.01 9.91
C1 VDX C . 1.19 -7.82 -2.19
C2 VDX C . 1.93 -8.76 -3.21
C3 VDX C . 0.89 -9.62 -4.00
C4 VDX C . 0.02 -10.51 -3.00
C5 VDX C . -0.58 -9.60 -1.91
C6 VDX C . -1.95 -9.80 -1.60
C7 VDX C . -2.66 -9.08 -0.63
C8 VDX C . -3.79 -9.48 0.04
C9 VDX C . -4.49 -10.86 -0.19
C10 VDX C . 0.29 -8.64 -1.26
C11 VDX C . -4.64 -11.62 1.15
C12 VDX C . -5.23 -10.72 2.31
C13 VDX C . -4.41 -9.39 2.48
C14 VDX C . -4.48 -8.66 1.10
C15 VDX C . -4.00 -7.19 1.39
C16 VDX C . -4.53 -6.99 2.82
C17 VDX C . -5.17 -8.33 3.25
C18 VDX C . -2.96 -9.83 2.96
C19 VDX C . 0.37 -8.47 0.14
C20 VDX C . -5.32 -8.54 4.81
C21 VDX C . -6.50 -7.77 5.43
C22 VDX C . -4.06 -8.17 5.64
C23 VDX C . -4.08 -8.82 7.04
C24 VDX C . -2.74 -8.62 7.81
C25 VDX C . -2.86 -8.85 9.35
C26 VDX C . -3.21 -10.33 9.66
C27 VDX C . -1.52 -8.52 10.07
O1 VDX C . 2.15 -7.05 -1.49
#